data_6GER
#
_entry.id   6GER
#
_cell.length_a   93.870
_cell.length_b   93.870
_cell.length_c   65.860
_cell.angle_alpha   90.000
_cell.angle_beta   90.000
_cell.angle_gamma   90.000
#
_symmetry.space_group_name_H-M   'P 43'
#
loop_
_entity.id
_entity.type
_entity.pdbx_description
1 polymer Beta-amylase
2 water water
#
_entity_poly.entity_id   1
_entity_poly.type   'polypeptide(L)'
_entity_poly.pdbx_seq_one_letter_code
;MAGNMLANYVQVYVMLPLDVVSVDNKFEKGDEIRAQLKKLTEAGVDGVMIDVWWGLVEGKGPKAYDWSAYKQVFDLVHEA
GLKLQAIMSFHQCGGNVGDVVNIPIPQWVRDVGATDPDIFYTNRGGTRNIEYLTLGVDDQPLFHGRTAVQMYADYMASFR
ENMKKFLDAGTIVDIEVGLGPAGEMRYPSYPQSQGWVFPGIGEFICYDKYLEADFKAAAAKAGHPEWELPDDAGEYNDTP
EKTQFFKDNGTYLTEKGKFFLSWYSNKLIKHGDKILDEANKVFLGCRVQLAIKISGIHWWYRVPNHAAELTAGYYNLDDR
DGYRTIARMLTRHHASMNFTCAEMRDSEQSEEAKSAPEELVQQVLSAGWREGLHVACENALGRYDATAYNTILRNARPKG
INKNGPPEHKLFGFTYLRLSNELLEGQNYATFQTFVEKMHANLGHDPSVDPVAPLERSKPEMPIEMILKAAQPKLEPFPF
DKNTDLPVKDHTDVGDEVLVAPVHHHHHH
;
_entity_poly.pdbx_strand_id   A
#
# COMPACT_ATOMS: atom_id res chain seq x y z
N GLY A 3 29.90 -20.96 3.38
CA GLY A 3 28.55 -21.03 3.92
C GLY A 3 27.53 -21.50 2.91
N ASN A 4 26.25 -21.29 3.21
CA ASN A 4 25.16 -21.66 2.34
C ASN A 4 24.44 -20.41 1.83
N MET A 5 23.68 -20.59 0.75
CA MET A 5 23.03 -19.50 0.05
C MET A 5 21.51 -19.70 0.00
N LEU A 6 20.94 -20.27 1.05
CA LEU A 6 19.50 -20.49 1.09
C LEU A 6 18.74 -19.18 1.26
N ALA A 7 19.36 -18.18 1.88
CA ALA A 7 18.68 -16.92 2.18
C ALA A 7 18.52 -16.02 0.96
N ASN A 8 19.00 -16.43 -0.22
CA ASN A 8 18.72 -15.68 -1.43
C ASN A 8 17.27 -15.86 -1.89
N TYR A 9 16.58 -16.88 -1.37
CA TYR A 9 15.20 -17.17 -1.74
C TYR A 9 14.29 -15.98 -1.45
N VAL A 10 13.55 -15.55 -2.46
CA VAL A 10 12.55 -14.50 -2.33
C VAL A 10 11.19 -15.08 -2.69
N GLN A 11 10.22 -14.94 -1.78
CA GLN A 11 8.88 -15.45 -2.03
C GLN A 11 8.19 -14.66 -3.13
N VAL A 12 7.39 -15.37 -3.92
CA VAL A 12 6.59 -14.77 -4.99
C VAL A 12 5.12 -15.06 -4.72
N TYR A 13 4.32 -14.01 -4.69
CA TYR A 13 2.88 -14.10 -4.57
C TYR A 13 2.22 -13.57 -5.83
N VAL A 14 0.98 -13.98 -6.07
CA VAL A 14 0.20 -13.54 -7.22
C VAL A 14 -1.13 -13.00 -6.73
N MET A 15 -1.44 -11.77 -7.12
CA MET A 15 -2.72 -11.16 -6.78
C MET A 15 -3.84 -11.83 -7.58
N LEU A 16 -4.91 -12.19 -6.89
CA LEU A 16 -6.04 -12.82 -7.56
C LEU A 16 -6.79 -11.80 -8.42
N PRO A 17 -7.64 -12.27 -9.33
CA PRO A 17 -8.36 -11.33 -10.20
C PRO A 17 -9.23 -10.38 -9.42
N LEU A 18 -9.44 -9.19 -10.00
CA LEU A 18 -10.26 -8.18 -9.36
C LEU A 18 -11.68 -8.67 -9.12
N ASP A 19 -12.19 -9.53 -10.00
CA ASP A 19 -13.58 -9.97 -9.96
C ASP A 19 -13.73 -11.34 -9.31
N VAL A 20 -12.74 -11.79 -8.54
CA VAL A 20 -12.77 -13.15 -7.99
C VAL A 20 -14.06 -13.37 -7.20
N VAL A 21 -14.47 -12.39 -6.40
CA VAL A 21 -15.78 -12.38 -5.77
C VAL A 21 -16.62 -11.32 -6.45
N SER A 22 -17.88 -11.66 -6.75
CA SER A 22 -18.71 -10.80 -7.57
C SER A 22 -19.14 -9.55 -6.80
N VAL A 23 -19.62 -8.57 -7.55
CA VAL A 23 -20.07 -7.31 -6.95
C VAL A 23 -21.29 -7.50 -6.05
N ASP A 24 -21.90 -8.69 -6.07
CA ASP A 24 -22.99 -9.03 -5.16
C ASP A 24 -22.56 -10.02 -4.08
N ASN A 25 -21.26 -10.09 -3.80
CA ASN A 25 -20.71 -10.88 -2.70
C ASN A 25 -21.07 -12.36 -2.83
N LYS A 26 -20.89 -12.88 -4.04
CA LYS A 26 -21.05 -14.31 -4.32
C LYS A 26 -19.80 -14.81 -5.02
N PHE A 27 -19.41 -16.04 -4.72
CA PHE A 27 -18.28 -16.68 -5.40
C PHE A 27 -18.82 -17.64 -6.46
N GLU A 28 -18.50 -17.35 -7.72
CA GLU A 28 -19.07 -18.07 -8.85
C GLU A 28 -18.00 -18.66 -9.77
N LYS A 29 -16.74 -18.64 -9.38
CA LYS A 29 -15.64 -19.01 -10.26
C LYS A 29 -14.80 -20.13 -9.66
N GLY A 30 -15.46 -21.08 -8.98
CA GLY A 30 -14.73 -22.15 -8.33
C GLY A 30 -13.88 -22.96 -9.27
N ASP A 31 -14.45 -23.35 -10.41
CA ASP A 31 -13.71 -24.17 -11.37
C ASP A 31 -12.55 -23.40 -11.98
N GLU A 32 -12.80 -22.17 -12.42
CA GLU A 32 -11.75 -21.36 -13.02
C GLU A 32 -10.61 -21.12 -12.05
N ILE A 33 -10.94 -20.70 -10.82
CA ILE A 33 -9.90 -20.38 -9.84
C ILE A 33 -9.07 -21.62 -9.51
N ARG A 34 -9.73 -22.75 -9.25
CA ARG A 34 -9.00 -23.98 -8.98
C ARG A 34 -8.01 -24.28 -10.09
N ALA A 35 -8.45 -24.16 -11.35
CA ALA A 35 -7.55 -24.42 -12.46
C ALA A 35 -6.44 -23.38 -12.53
N GLN A 36 -6.75 -22.12 -12.23
CA GLN A 36 -5.72 -21.09 -12.25
C GLN A 36 -4.70 -21.31 -11.14
N LEU A 37 -5.17 -21.64 -9.94
CA LEU A 37 -4.23 -21.93 -8.85
C LEU A 37 -3.38 -23.15 -9.17
N LYS A 38 -3.93 -24.12 -9.89
CA LYS A 38 -3.14 -25.28 -10.28
C LYS A 38 -1.96 -24.86 -11.15
N LYS A 39 -2.16 -23.90 -12.05
CA LYS A 39 -1.05 -23.41 -12.84
C LYS A 39 -0.02 -22.68 -11.98
N LEU A 40 -0.47 -22.02 -10.91
CA LEU A 40 0.47 -21.31 -10.04
C LEU A 40 1.33 -22.29 -9.25
N THR A 41 0.71 -23.36 -8.72
CA THR A 41 1.50 -24.38 -8.03
C THR A 41 2.49 -25.03 -8.98
N GLU A 42 2.07 -25.29 -10.23
CA GLU A 42 2.99 -25.85 -11.21
CA GLU A 42 2.99 -25.85 -11.21
C GLU A 42 4.15 -24.91 -11.49
N ALA A 43 3.97 -23.61 -11.27
CA ALA A 43 5.03 -22.63 -11.49
C ALA A 43 5.86 -22.37 -10.24
N GLY A 44 5.60 -23.08 -9.14
CA GLY A 44 6.37 -22.89 -7.92
C GLY A 44 5.98 -21.69 -7.10
N VAL A 45 4.84 -21.07 -7.36
CA VAL A 45 4.46 -19.84 -6.65
C VAL A 45 4.25 -20.15 -5.17
N ASP A 46 4.60 -19.18 -4.33
CA ASP A 46 4.49 -19.36 -2.89
C ASP A 46 3.08 -19.11 -2.37
N GLY A 47 2.37 -18.14 -2.94
CA GLY A 47 1.04 -17.84 -2.43
C GLY A 47 0.32 -16.86 -3.33
N VAL A 48 -0.84 -16.39 -2.85
CA VAL A 48 -1.66 -15.43 -3.55
C VAL A 48 -2.09 -14.33 -2.60
N MET A 49 -2.65 -13.27 -3.16
CA MET A 49 -3.12 -12.12 -2.40
CA MET A 49 -3.11 -12.10 -2.42
C MET A 49 -4.49 -11.72 -2.92
N ILE A 50 -5.35 -11.26 -2.01
CA ILE A 50 -6.73 -10.94 -2.34
C ILE A 50 -7.21 -9.73 -1.56
N ASP A 51 -7.97 -8.86 -2.23
CA ASP A 51 -8.70 -7.80 -1.56
C ASP A 51 -9.93 -8.38 -0.88
N VAL A 52 -10.17 -8.00 0.37
CA VAL A 52 -11.34 -8.44 1.12
C VAL A 52 -12.20 -7.19 1.32
N TRP A 53 -13.19 -7.01 0.45
CA TRP A 53 -13.84 -5.71 0.29
C TRP A 53 -14.84 -5.45 1.40
N TRP A 54 -14.60 -4.38 2.15
CA TRP A 54 -15.55 -3.91 3.17
C TRP A 54 -16.94 -3.72 2.57
N GLY A 55 -17.00 -3.16 1.35
CA GLY A 55 -18.27 -2.89 0.71
C GLY A 55 -19.07 -4.13 0.35
N LEU A 56 -18.42 -5.29 0.30
CA LEU A 56 -19.14 -6.55 0.14
C LEU A 56 -19.54 -7.14 1.49
N VAL A 57 -18.56 -7.31 2.38
CA VAL A 57 -18.77 -8.09 3.60
C VAL A 57 -19.75 -7.38 4.53
N GLU A 58 -19.56 -6.08 4.77
CA GLU A 58 -20.45 -5.30 5.63
C GLU A 58 -21.33 -4.37 4.81
N GLY A 59 -21.66 -4.75 3.58
CA GLY A 59 -22.38 -3.86 2.68
C GLY A 59 -23.87 -3.75 2.95
N LYS A 60 -24.47 -4.75 3.61
CA LYS A 60 -25.91 -4.77 3.80
C LYS A 60 -26.35 -3.95 5.01
N GLY A 61 -25.49 -3.79 6.00
CA GLY A 61 -25.82 -3.03 7.18
C GLY A 61 -24.74 -3.15 8.25
N PRO A 62 -24.82 -2.32 9.28
CA PRO A 62 -23.79 -2.35 10.33
C PRO A 62 -23.70 -3.70 11.01
N LYS A 63 -22.48 -4.22 11.09
CA LYS A 63 -22.19 -5.51 11.72
C LYS A 63 -22.94 -6.66 11.09
N ALA A 64 -23.40 -6.51 9.85
CA ALA A 64 -24.03 -7.59 9.11
C ALA A 64 -22.99 -8.23 8.19
N TYR A 65 -22.04 -8.91 8.82
CA TYR A 65 -20.89 -9.45 8.11
C TYR A 65 -21.26 -10.73 7.38
N ASP A 66 -20.97 -10.79 6.09
CA ASP A 66 -21.18 -11.97 5.25
C ASP A 66 -19.83 -12.37 4.66
N TRP A 67 -19.18 -13.33 5.28
CA TRP A 67 -17.88 -13.83 4.84
C TRP A 67 -17.98 -15.04 3.92
N SER A 68 -19.20 -15.41 3.50
CA SER A 68 -19.42 -16.73 2.90
C SER A 68 -18.66 -16.87 1.59
N ALA A 69 -18.64 -15.83 0.76
CA ALA A 69 -17.93 -15.91 -0.52
C ALA A 69 -16.43 -16.08 -0.29
N TYR A 70 -15.85 -15.30 0.62
CA TYR A 70 -14.41 -15.35 0.83
C TYR A 70 -13.97 -16.67 1.45
N LYS A 71 -14.79 -17.24 2.33
CA LYS A 71 -14.49 -18.57 2.86
C LYS A 71 -14.35 -19.59 1.75
N GLN A 72 -15.11 -19.45 0.66
CA GLN A 72 -15.03 -20.39 -0.44
C GLN A 72 -13.71 -20.21 -1.21
N VAL A 73 -13.33 -18.96 -1.46
CA VAL A 73 -12.05 -18.72 -2.12
C VAL A 73 -10.90 -19.24 -1.25
N PHE A 74 -10.94 -18.92 0.04
CA PHE A 74 -9.86 -19.32 0.92
C PHE A 74 -9.71 -20.84 0.97
N ASP A 75 -10.83 -21.57 0.86
CA ASP A 75 -10.76 -23.02 0.80
C ASP A 75 -9.96 -23.49 -0.40
N LEU A 76 -10.17 -22.87 -1.57
CA LEU A 76 -9.44 -23.26 -2.76
C LEU A 76 -7.94 -22.99 -2.61
N VAL A 77 -7.60 -21.86 -1.99
CA VAL A 77 -6.20 -21.54 -1.77
C VAL A 77 -5.58 -22.57 -0.82
N HIS A 78 -6.28 -22.87 0.28
CA HIS A 78 -5.82 -23.90 1.20
C HIS A 78 -5.68 -25.24 0.48
N GLU A 79 -6.71 -25.61 -0.28
CA GLU A 79 -6.66 -26.85 -1.05
C GLU A 79 -5.43 -26.92 -1.94
N ALA A 80 -5.03 -25.79 -2.51
CA ALA A 80 -3.90 -25.74 -3.43
C ALA A 80 -2.55 -25.75 -2.73
N GLY A 81 -2.53 -25.72 -1.39
CA GLY A 81 -1.27 -25.65 -0.67
C GLY A 81 -0.55 -24.33 -0.81
N LEU A 82 -1.27 -23.26 -1.13
CA LEU A 82 -0.69 -21.94 -1.31
C LEU A 82 -0.90 -21.09 -0.07
N LYS A 83 0.05 -20.19 0.18
CA LYS A 83 -0.10 -19.21 1.24
C LYS A 83 -1.00 -18.08 0.78
N LEU A 84 -1.47 -17.28 1.73
CA LEU A 84 -2.48 -16.28 1.46
C LEU A 84 -2.17 -14.99 2.20
N GLN A 85 -2.21 -13.87 1.47
CA GLN A 85 -2.11 -12.54 2.05
CA GLN A 85 -2.12 -12.55 2.06
C GLN A 85 -3.47 -11.88 1.88
N ALA A 86 -4.08 -11.47 2.99
CA ALA A 86 -5.42 -10.88 2.96
C ALA A 86 -5.33 -9.38 3.20
N ILE A 87 -5.98 -8.61 2.33
CA ILE A 87 -6.04 -7.15 2.44
C ILE A 87 -7.37 -6.77 3.09
N MET A 88 -7.32 -6.07 4.21
CA MET A 88 -8.51 -5.47 4.80
C MET A 88 -8.82 -4.23 3.98
N SER A 89 -9.75 -4.36 3.03
CA SER A 89 -9.95 -3.35 1.99
C SER A 89 -11.11 -2.44 2.40
N PHE A 90 -10.78 -1.39 3.13
CA PHE A 90 -11.75 -0.41 3.59
C PHE A 90 -11.98 0.72 2.58
N HIS A 91 -11.70 0.46 1.31
CA HIS A 91 -11.76 1.48 0.27
C HIS A 91 -12.66 0.99 -0.86
N GLN A 92 -12.96 1.92 -1.77
CA GLN A 92 -13.82 1.63 -2.90
C GLN A 92 -13.05 0.89 -3.98
N CYS A 93 -13.69 -0.09 -4.59
CA CYS A 93 -13.18 -0.77 -5.77
C CYS A 93 -13.84 -0.16 -7.00
N GLY A 94 -13.04 0.18 -8.00
CA GLY A 94 -13.58 0.78 -9.21
C GLY A 94 -14.05 2.20 -8.96
N GLY A 95 -15.17 2.56 -9.59
CA GLY A 95 -15.75 3.88 -9.45
C GLY A 95 -15.53 4.78 -10.63
N ASN A 96 -14.55 4.48 -11.48
CA ASN A 96 -14.32 5.27 -12.69
C ASN A 96 -15.15 4.73 -13.84
N VAL A 97 -15.58 5.64 -14.71
CA VAL A 97 -16.34 5.22 -15.88
C VAL A 97 -15.47 4.28 -16.71
N GLY A 98 -16.03 3.11 -17.02
CA GLY A 98 -15.30 2.06 -17.71
C GLY A 98 -14.83 0.94 -16.81
N ASP A 99 -14.77 1.17 -15.49
CA ASP A 99 -14.41 0.10 -14.57
C ASP A 99 -15.48 -0.98 -14.59
N VAL A 100 -15.03 -2.23 -14.54
CA VAL A 100 -15.93 -3.39 -14.61
C VAL A 100 -16.40 -3.82 -13.23
N VAL A 101 -15.50 -3.78 -12.25
CA VAL A 101 -15.78 -4.21 -10.88
C VAL A 101 -15.92 -2.96 -10.04
N ASN A 102 -17.14 -2.70 -9.56
CA ASN A 102 -17.44 -1.50 -8.78
C ASN A 102 -18.01 -1.91 -7.43
N ILE A 103 -17.25 -1.65 -6.38
CA ILE A 103 -17.67 -1.99 -5.02
C ILE A 103 -17.41 -0.78 -4.13
N PRO A 104 -18.37 0.14 -4.01
CA PRO A 104 -18.18 1.27 -3.09
C PRO A 104 -18.19 0.79 -1.65
N ILE A 105 -17.76 1.68 -0.76
CA ILE A 105 -17.82 1.37 0.67
C ILE A 105 -19.30 1.26 1.03
N PRO A 106 -19.65 0.59 2.13
CA PRO A 106 -21.05 0.25 2.38
C PRO A 106 -21.98 1.45 2.25
N GLN A 107 -23.19 1.18 1.74
CA GLN A 107 -24.15 2.25 1.50
C GLN A 107 -24.60 2.89 2.81
N TRP A 108 -24.75 2.10 3.87
CA TRP A 108 -25.17 2.67 5.15
C TRP A 108 -24.11 3.59 5.73
N VAL A 109 -22.84 3.39 5.37
CA VAL A 109 -21.79 4.32 5.75
C VAL A 109 -21.92 5.62 4.95
N ARG A 110 -22.11 5.50 3.64
CA ARG A 110 -22.21 6.70 2.81
C ARG A 110 -23.50 7.46 3.07
N ASP A 111 -24.55 6.79 3.54
CA ASP A 111 -25.78 7.49 3.88
C ASP A 111 -25.55 8.55 4.95
N VAL A 112 -24.56 8.33 5.82
CA VAL A 112 -24.22 9.35 6.81
C VAL A 112 -23.74 10.63 6.13
N GLY A 113 -23.16 10.50 4.94
CA GLY A 113 -22.69 11.67 4.21
C GLY A 113 -23.79 12.55 3.68
N ALA A 114 -25.03 12.03 3.60
CA ALA A 114 -26.15 12.85 3.16
C ALA A 114 -26.37 14.05 4.07
N THR A 115 -26.11 13.89 5.37
CA THR A 115 -26.22 14.98 6.33
C THR A 115 -24.88 15.48 6.84
N ASP A 116 -23.82 14.68 6.73
CA ASP A 116 -22.48 15.06 7.17
C ASP A 116 -21.50 14.73 6.05
N PRO A 117 -21.49 15.53 4.99
CA PRO A 117 -20.57 15.26 3.86
C PRO A 117 -19.11 15.36 4.22
N ASP A 118 -18.79 15.83 5.43
CA ASP A 118 -17.39 15.95 5.84
C ASP A 118 -16.79 14.63 6.30
N ILE A 119 -17.52 13.52 6.20
CA ILE A 119 -16.90 12.22 6.40
C ILE A 119 -16.01 11.82 5.25
N PHE A 120 -16.02 12.59 4.16
CA PHE A 120 -15.25 12.31 2.96
C PHE A 120 -14.08 13.27 2.84
N TYR A 121 -12.93 12.75 2.40
CA TYR A 121 -11.82 13.60 2.02
C TYR A 121 -12.29 14.66 1.04
N THR A 122 -11.93 15.92 1.31
CA THR A 122 -12.45 17.05 0.56
C THR A 122 -11.32 17.95 0.09
N ASN A 123 -11.37 18.36 -1.16
CA ASN A 123 -10.37 19.29 -1.69
C ASN A 123 -10.82 20.74 -1.48
N ARG A 124 -9.96 21.67 -1.84
CA ARG A 124 -10.24 23.07 -1.57
C ARG A 124 -11.49 23.55 -2.31
N GLY A 125 -11.74 23.00 -3.49
CA GLY A 125 -12.93 23.37 -4.25
C GLY A 125 -14.23 22.87 -3.64
N GLY A 126 -14.17 21.93 -2.70
CA GLY A 126 -15.35 21.43 -2.04
C GLY A 126 -15.84 20.09 -2.54
N THR A 127 -15.15 19.47 -3.49
CA THR A 127 -15.58 18.17 -3.98
C THR A 127 -15.27 17.09 -2.96
N ARG A 128 -16.23 16.19 -2.76
CA ARG A 128 -16.12 15.10 -1.81
C ARG A 128 -15.65 13.84 -2.53
N ASN A 129 -14.65 13.17 -1.96
CA ASN A 129 -14.15 11.91 -2.50
C ASN A 129 -14.69 10.77 -1.64
N ILE A 130 -15.48 9.88 -2.24
CA ILE A 130 -16.20 8.85 -1.51
C ILE A 130 -15.46 7.52 -1.49
N GLU A 131 -14.20 7.49 -1.94
CA GLU A 131 -13.45 6.23 -1.99
C GLU A 131 -13.11 5.71 -0.60
N TYR A 132 -12.99 6.60 0.37
CA TYR A 132 -12.44 6.24 1.67
C TYR A 132 -12.83 7.32 2.66
N LEU A 133 -13.05 6.92 3.92
CA LEU A 133 -13.43 7.87 4.95
C LEU A 133 -12.22 8.69 5.39
N THR A 134 -12.40 9.99 5.52
CA THR A 134 -11.31 10.85 5.96
C THR A 134 -10.80 10.37 7.31
N LEU A 135 -9.47 10.41 7.48
CA LEU A 135 -8.90 10.08 8.77
C LEU A 135 -9.39 11.04 9.85
N GLY A 136 -9.94 12.18 9.47
CA GLY A 136 -10.48 13.12 10.42
C GLY A 136 -11.65 12.58 11.24
N VAL A 137 -12.31 11.53 10.76
CA VAL A 137 -13.39 10.90 11.52
C VAL A 137 -12.94 9.55 12.09
N ASP A 138 -11.63 9.33 12.17
CA ASP A 138 -11.11 8.11 12.81
C ASP A 138 -11.76 7.89 14.17
N ASP A 139 -11.93 8.97 14.95
CA ASP A 139 -12.44 8.86 16.31
C ASP A 139 -13.74 9.65 16.49
N GLN A 140 -14.47 9.92 15.41
CA GLN A 140 -15.76 10.59 15.50
C GLN A 140 -16.87 9.54 15.43
N PRO A 141 -17.74 9.43 16.45
CA PRO A 141 -18.75 8.34 16.47
C PRO A 141 -19.99 8.66 15.64
N LEU A 142 -19.80 8.76 14.33
CA LEU A 142 -20.83 9.23 13.42
C LEU A 142 -21.64 8.10 12.76
N PHE A 143 -21.24 6.85 12.92
CA PHE A 143 -21.75 5.75 12.11
C PHE A 143 -22.55 4.81 13.01
N HIS A 144 -23.81 5.18 13.24
CA HIS A 144 -24.69 4.45 14.15
C HIS A 144 -24.01 4.22 15.49
N GLY A 145 -23.31 5.26 15.97
CA GLY A 145 -22.66 5.23 17.26
C GLY A 145 -21.18 4.89 17.21
N ARG A 146 -20.71 4.27 16.14
CA ARG A 146 -19.33 3.81 16.05
C ARG A 146 -18.44 4.84 15.34
N THR A 147 -17.17 4.87 15.75
CA THR A 147 -16.17 5.63 15.03
C THR A 147 -15.64 4.80 13.85
N ALA A 148 -14.91 5.47 12.95
CA ALA A 148 -14.34 4.75 11.81
C ALA A 148 -13.37 3.67 12.28
N VAL A 149 -12.53 3.99 13.26
CA VAL A 149 -11.56 3.00 13.75
C VAL A 149 -12.28 1.83 14.38
N GLN A 150 -13.40 2.07 15.06
CA GLN A 150 -14.19 0.98 15.61
C GLN A 150 -14.71 0.08 14.50
N MET A 151 -15.26 0.68 13.44
CA MET A 151 -15.73 -0.11 12.30
C MET A 151 -14.61 -0.97 11.73
N TYR A 152 -13.40 -0.40 11.61
CA TYR A 152 -12.28 -1.17 11.07
C TYR A 152 -11.86 -2.28 12.01
N ALA A 153 -11.76 -1.97 13.31
CA ALA A 153 -11.36 -2.99 14.28
C ALA A 153 -12.41 -4.09 14.38
N ASP A 154 -13.69 -3.73 14.44
CA ASP A 154 -14.75 -4.74 14.48
C ASP A 154 -14.71 -5.63 13.25
N TYR A 155 -14.47 -5.02 12.08
CA TYR A 155 -14.39 -5.78 10.83
C TYR A 155 -13.26 -6.80 10.87
N MET A 156 -12.07 -6.36 11.31
CA MET A 156 -10.94 -7.28 11.41
C MET A 156 -11.17 -8.34 12.49
N ALA A 157 -11.85 -7.98 13.58
CA ALA A 157 -12.15 -8.96 14.62
C ALA A 157 -13.07 -10.04 14.07
N SER A 158 -14.11 -9.64 13.35
CA SER A 158 -14.99 -10.63 12.73
C SER A 158 -14.26 -11.47 11.70
N PHE A 159 -13.30 -10.86 10.99
CA PHE A 159 -12.47 -11.63 10.06
C PHE A 159 -11.71 -12.73 10.81
N ARG A 160 -11.02 -12.37 11.89
N ARG A 160 -11.04 -12.38 11.90
CA ARG A 160 -10.29 -13.35 12.69
CA ARG A 160 -10.29 -13.39 12.65
C ARG A 160 -11.21 -14.48 13.13
C ARG A 160 -11.21 -14.49 13.14
N GLU A 161 -12.36 -14.12 13.73
CA GLU A 161 -13.25 -15.15 14.26
CA GLU A 161 -13.26 -15.15 14.26
C GLU A 161 -13.77 -16.06 13.15
N ASN A 162 -14.12 -15.49 11.99
CA ASN A 162 -14.72 -16.29 10.93
C ASN A 162 -13.70 -17.05 10.11
N MET A 163 -12.46 -16.55 10.01
CA MET A 163 -11.42 -17.21 9.24
C MET A 163 -10.49 -18.03 10.12
N LYS A 164 -10.96 -18.41 11.30
CA LYS A 164 -10.16 -19.15 12.27
C LYS A 164 -9.46 -20.35 11.64
N LYS A 165 -10.18 -21.10 10.79
CA LYS A 165 -9.59 -22.30 10.21
C LYS A 165 -8.32 -22.00 9.43
N PHE A 166 -8.33 -20.91 8.66
CA PHE A 166 -7.20 -20.61 7.79
C PHE A 166 -6.07 -19.92 8.55
N LEU A 167 -6.39 -19.22 9.64
CA LEU A 167 -5.34 -18.67 10.50
C LEU A 167 -4.67 -19.77 11.31
N ASP A 168 -5.46 -20.68 11.87
CA ASP A 168 -4.89 -21.77 12.67
C ASP A 168 -4.00 -22.66 11.81
N ALA A 169 -4.41 -22.93 10.57
CA ALA A 169 -3.64 -23.79 9.68
C ALA A 169 -2.40 -23.11 9.12
N GLY A 170 -2.25 -21.81 9.31
CA GLY A 170 -1.12 -21.08 8.78
C GLY A 170 -1.23 -20.68 7.34
N THR A 171 -2.39 -20.92 6.70
CA THR A 171 -2.56 -20.52 5.30
C THR A 171 -2.41 -19.02 5.14
N ILE A 172 -3.00 -18.24 6.04
CA ILE A 172 -2.88 -16.80 5.99
C ILE A 172 -1.58 -16.40 6.68
N VAL A 173 -0.69 -15.74 5.94
CA VAL A 173 0.61 -15.33 6.46
C VAL A 173 0.75 -13.83 6.59
N ASP A 174 -0.14 -13.04 6.00
CA ASP A 174 -0.05 -11.60 6.05
C ASP A 174 -1.44 -10.99 6.07
N ILE A 175 -1.61 -9.96 6.90
CA ILE A 175 -2.81 -9.13 6.91
C ILE A 175 -2.36 -7.73 6.48
N GLU A 176 -2.77 -7.31 5.30
CA GLU A 176 -2.47 -5.96 4.82
C GLU A 176 -3.65 -5.06 5.18
N VAL A 177 -3.37 -4.02 5.96
CA VAL A 177 -4.41 -3.12 6.44
C VAL A 177 -4.54 -1.97 5.46
N GLY A 178 -5.70 -1.87 4.82
CA GLY A 178 -5.96 -0.73 3.94
C GLY A 178 -6.13 0.54 4.76
N LEU A 179 -5.43 1.59 4.37
CA LEU A 179 -5.39 2.83 5.14
C LEU A 179 -5.77 4.05 4.33
N GLY A 180 -6.36 3.86 3.15
CA GLY A 180 -6.73 4.97 2.31
C GLY A 180 -7.20 4.52 0.95
N PRO A 181 -7.27 5.46 0.00
CA PRO A 181 -7.70 5.09 -1.35
C PRO A 181 -6.80 4.02 -1.93
N ALA A 182 -7.41 3.05 -2.60
CA ALA A 182 -6.71 1.92 -3.20
C ALA A 182 -6.01 1.06 -2.15
N GLY A 183 -6.41 1.19 -0.89
CA GLY A 183 -5.76 0.48 0.20
C GLY A 183 -4.43 1.08 0.62
N GLU A 184 -4.03 2.19 0.03
CA GLU A 184 -2.71 2.77 0.26
C GLU A 184 -2.81 3.86 1.32
N MET A 185 -1.80 3.92 2.19
CA MET A 185 -1.75 4.97 3.20
C MET A 185 -1.36 6.28 2.54
N ARG A 186 -2.37 7.04 2.10
CA ARG A 186 -2.13 8.32 1.44
C ARG A 186 -3.46 9.07 1.39
N TYR A 187 -3.37 10.32 1.00
CA TYR A 187 -4.55 11.09 0.68
C TYR A 187 -4.95 10.84 -0.77
N PRO A 188 -6.22 11.01 -1.13
CA PRO A 188 -6.64 10.86 -2.54
C PRO A 188 -6.32 12.11 -3.36
N SER A 189 -5.02 12.35 -3.54
CA SER A 189 -4.54 13.60 -4.13
C SER A 189 -4.56 13.62 -5.65
N TYR A 190 -4.78 12.49 -6.31
CA TYR A 190 -4.80 12.45 -7.78
C TYR A 190 -5.95 11.56 -8.26
N PRO A 191 -7.19 11.96 -7.99
CA PRO A 191 -8.35 11.13 -8.36
C PRO A 191 -8.71 11.30 -9.82
N GLN A 192 -8.73 10.19 -10.55
CA GLN A 192 -9.22 10.19 -11.93
C GLN A 192 -10.65 10.71 -12.00
N SER A 193 -11.47 10.38 -10.99
CA SER A 193 -12.88 10.73 -11.00
C SER A 193 -13.12 12.24 -10.95
N GLN A 194 -12.11 13.03 -10.57
CA GLN A 194 -12.25 14.47 -10.49
C GLN A 194 -11.38 15.20 -11.52
N GLY A 195 -10.88 14.48 -12.53
CA GLY A 195 -10.21 15.11 -13.65
C GLY A 195 -8.71 15.04 -13.65
N TRP A 196 -8.10 14.37 -12.67
CA TRP A 196 -6.65 14.26 -12.67
C TRP A 196 -6.16 13.45 -13.85
N VAL A 197 -5.08 13.93 -14.48
CA VAL A 197 -4.43 13.24 -15.57
C VAL A 197 -2.93 13.27 -15.32
N PHE A 198 -2.29 12.12 -15.46
CA PHE A 198 -0.85 12.03 -15.30
C PHE A 198 -0.16 13.05 -16.21
N PRO A 199 0.84 13.80 -15.71
CA PRO A 199 1.45 13.84 -14.38
C PRO A 199 1.08 15.05 -13.53
N GLY A 200 -0.22 15.28 -13.29
CA GLY A 200 -0.62 16.41 -12.48
C GLY A 200 -0.08 16.30 -11.06
N ILE A 201 0.25 17.46 -10.48
CA ILE A 201 0.82 17.49 -9.13
C ILE A 201 -0.16 17.02 -8.06
N GLY A 202 -1.45 16.94 -8.38
CA GLY A 202 -2.44 16.59 -7.40
C GLY A 202 -2.81 17.78 -6.53
N GLU A 203 -3.61 17.50 -5.51
CA GLU A 203 -4.06 18.53 -4.59
C GLU A 203 -4.01 18.01 -3.16
N PHE A 204 -3.83 18.94 -2.22
CA PHE A 204 -4.00 18.62 -0.81
C PHE A 204 -5.47 18.39 -0.53
N ILE A 205 -5.78 17.32 0.21
CA ILE A 205 -7.17 16.93 0.44
C ILE A 205 -7.46 16.93 1.94
N CYS A 206 -7.33 18.09 2.56
CA CYS A 206 -7.46 18.22 4.01
C CYS A 206 -8.50 19.27 4.39
N TYR A 207 -9.46 19.53 3.51
CA TYR A 207 -10.39 20.62 3.68
C TYR A 207 -11.74 20.19 4.23
N ASP A 208 -11.90 18.92 4.59
CA ASP A 208 -13.09 18.53 5.33
C ASP A 208 -13.04 19.20 6.70
N LYS A 209 -14.22 19.48 7.26
CA LYS A 209 -14.28 20.32 8.46
C LYS A 209 -13.53 19.69 9.62
N TYR A 210 -13.46 18.36 9.68
CA TYR A 210 -12.78 17.71 10.79
C TYR A 210 -11.27 17.95 10.72
N LEU A 211 -10.67 17.81 9.53
CA LEU A 211 -9.24 18.06 9.41
C LEU A 211 -8.92 19.54 9.50
N GLU A 212 -9.76 20.40 8.91
CA GLU A 212 -9.51 21.82 8.99
C GLU A 212 -9.56 22.31 10.44
N ALA A 213 -10.51 21.81 11.22
CA ALA A 213 -10.55 22.14 12.64
C ALA A 213 -9.30 21.62 13.35
N ASP A 214 -8.81 20.45 12.94
CA ASP A 214 -7.59 19.90 13.51
C ASP A 214 -6.40 20.79 13.20
N PHE A 215 -6.27 21.24 11.96
CA PHE A 215 -5.18 22.15 11.62
C PHE A 215 -5.31 23.46 12.37
N LYS A 216 -6.52 24.02 12.43
CA LYS A 216 -6.72 25.27 13.15
C LYS A 216 -6.24 25.16 14.59
N ALA A 217 -6.59 24.06 15.26
CA ALA A 217 -6.17 23.87 16.65
C ALA A 217 -4.65 23.77 16.73
N ALA A 218 -4.03 23.00 15.84
CA ALA A 218 -2.57 22.86 15.86
C ALA A 218 -1.89 24.19 15.58
N ALA A 219 -2.39 24.95 14.60
CA ALA A 219 -1.80 26.24 14.30
C ALA A 219 -1.91 27.18 15.49
N ALA A 220 -3.09 27.24 16.10
CA ALA A 220 -3.27 28.11 17.27
C ALA A 220 -2.31 27.73 18.38
N LYS A 221 -2.20 26.43 18.69
CA LYS A 221 -1.29 26.00 19.74
C LYS A 221 0.15 26.35 19.40
N ALA A 222 0.49 26.38 18.10
CA ALA A 222 1.83 26.74 17.67
C ALA A 222 2.07 28.25 17.68
N GLY A 223 1.08 29.04 18.11
CA GLY A 223 1.24 30.48 18.18
C GLY A 223 0.92 31.23 16.91
N HIS A 224 0.35 30.57 15.90
CA HIS A 224 0.05 31.20 14.62
C HIS A 224 -1.39 30.94 14.24
N PRO A 225 -2.34 31.59 14.94
CA PRO A 225 -3.75 31.46 14.56
C PRO A 225 -4.08 32.07 13.21
N GLU A 226 -3.20 32.93 12.67
CA GLU A 226 -3.45 33.51 11.36
C GLU A 226 -3.24 32.52 10.23
N TRP A 227 -2.54 31.41 10.49
CA TRP A 227 -2.26 30.44 9.43
C TRP A 227 -3.55 29.73 9.02
N GLU A 228 -3.75 29.62 7.71
CA GLU A 228 -4.87 28.91 7.14
C GLU A 228 -4.34 27.76 6.27
N LEU A 229 -5.22 26.83 5.93
CA LEU A 229 -4.84 25.77 5.02
C LEU A 229 -4.42 26.39 3.68
N PRO A 230 -3.50 25.74 2.96
CA PRO A 230 -2.99 26.35 1.73
C PRO A 230 -4.10 26.77 0.77
N ASP A 231 -3.89 27.91 0.11
CA ASP A 231 -4.80 28.39 -0.92
C ASP A 231 -4.05 28.75 -2.19
N ASP A 232 -2.77 28.39 -2.30
CA ASP A 232 -1.93 28.79 -3.41
C ASP A 232 -1.18 27.61 -4.00
N ALA A 233 -1.74 26.40 -3.88
CA ALA A 233 -1.09 25.18 -4.34
C ALA A 233 -1.55 24.73 -5.71
N GLY A 234 -2.46 25.47 -6.36
CA GLY A 234 -2.93 25.08 -7.67
C GLY A 234 -4.01 24.02 -7.61
N GLU A 235 -4.16 23.31 -8.72
CA GLU A 235 -5.18 22.27 -8.87
C GLU A 235 -4.54 21.00 -9.43
N TYR A 236 -5.36 19.96 -9.55
CA TYR A 236 -4.85 18.61 -9.80
C TYR A 236 -3.82 18.56 -10.92
N ASN A 237 -4.12 19.19 -12.05
CA ASN A 237 -3.32 19.01 -13.26
C ASN A 237 -2.29 20.11 -13.46
N ASP A 238 -2.12 21.00 -12.49
CA ASP A 238 -1.07 22.00 -12.60
C ASP A 238 0.30 21.34 -12.53
N THR A 239 1.31 22.11 -12.88
CA THR A 239 2.70 21.75 -12.67
C THR A 239 3.31 22.60 -11.57
N PRO A 240 4.38 22.14 -10.92
CA PRO A 240 4.87 22.86 -9.72
C PRO A 240 5.15 24.33 -9.93
N GLU A 241 5.75 24.71 -11.06
CA GLU A 241 6.17 26.09 -11.26
CA GLU A 241 6.17 26.09 -11.27
C GLU A 241 5.00 27.04 -11.52
N LYS A 242 3.81 26.53 -11.80
CA LYS A 242 2.64 27.36 -12.00
C LYS A 242 1.90 27.66 -10.69
N THR A 243 2.49 27.30 -9.55
CA THR A 243 1.86 27.50 -8.26
C THR A 243 2.84 28.24 -7.34
N GLN A 244 2.29 29.09 -6.47
CA GLN A 244 3.15 29.75 -5.49
C GLN A 244 3.65 28.78 -4.43
N PHE A 245 2.88 27.72 -4.15
CA PHE A 245 3.26 26.80 -3.08
C PHE A 245 4.48 25.99 -3.45
N PHE A 246 4.57 25.54 -4.70
CA PHE A 246 5.59 24.58 -5.11
C PHE A 246 6.69 25.18 -5.98
N LYS A 247 6.57 26.44 -6.39
CA LYS A 247 7.60 27.05 -7.21
C LYS A 247 8.91 27.17 -6.42
N ASP A 248 9.95 27.57 -7.13
CA ASP A 248 11.23 27.87 -6.48
C ASP A 248 11.04 28.99 -5.47
N ASN A 249 11.58 28.79 -4.27
CA ASN A 249 11.34 29.71 -3.15
C ASN A 249 9.84 29.88 -2.91
N GLY A 250 9.08 28.83 -3.17
CA GLY A 250 7.65 28.84 -2.92
C GLY A 250 7.36 28.72 -1.44
N THR A 251 6.06 28.65 -1.13
CA THR A 251 5.65 28.65 0.26
C THR A 251 6.02 27.35 0.96
N TYR A 252 6.15 26.25 0.20
CA TYR A 252 6.52 24.98 0.83
C TYR A 252 7.85 25.07 1.56
N LEU A 253 8.68 26.07 1.25
CA LEU A 253 9.93 26.27 1.95
C LEU A 253 9.81 27.22 3.14
N THR A 254 8.69 27.92 3.27
CA THR A 254 8.50 28.86 4.37
C THR A 254 8.13 28.13 5.66
N GLU A 255 8.25 28.85 6.77
CA GLU A 255 7.82 28.30 8.06
C GLU A 255 6.36 27.86 8.00
N LYS A 256 5.51 28.71 7.43
CA LYS A 256 4.10 28.36 7.24
C LYS A 256 3.96 27.05 6.49
N GLY A 257 4.62 26.94 5.34
CA GLY A 257 4.50 25.72 4.54
C GLY A 257 5.06 24.50 5.24
N LYS A 258 6.25 24.64 5.84
CA LYS A 258 6.83 23.52 6.56
CA LYS A 258 6.84 23.53 6.56
C LYS A 258 5.90 23.02 7.65
N PHE A 259 5.23 23.92 8.35
CA PHE A 259 4.32 23.51 9.42
C PHE A 259 3.14 22.73 8.87
N PHE A 260 2.54 23.22 7.79
CA PHE A 260 1.39 22.52 7.21
C PHE A 260 1.80 21.14 6.69
N LEU A 261 2.91 21.07 5.97
CA LEU A 261 3.36 19.80 5.40
C LEU A 261 3.65 18.80 6.52
N SER A 262 4.27 19.25 7.61
CA SER A 262 4.50 18.39 8.75
C SER A 262 3.17 17.90 9.35
N TRP A 263 2.24 18.82 9.56
CA TRP A 263 0.93 18.44 10.08
C TRP A 263 0.23 17.47 9.14
N TYR A 264 0.28 17.76 7.84
CA TYR A 264 -0.39 16.94 6.84
C TYR A 264 0.16 15.51 6.84
N SER A 265 1.48 15.37 6.71
CA SER A 265 2.09 14.05 6.66
C SER A 265 2.03 13.33 8.01
N ASN A 266 2.10 14.07 9.11
CA ASN A 266 2.04 13.45 10.43
C ASN A 266 0.66 12.89 10.71
N LYS A 267 -0.40 13.59 10.29
CA LYS A 267 -1.76 13.06 10.46
C LYS A 267 -1.89 11.70 9.78
N LEU A 268 -1.30 11.57 8.59
CA LEU A 268 -1.36 10.30 7.87
C LEU A 268 -0.61 9.22 8.63
N ILE A 269 0.58 9.54 9.13
CA ILE A 269 1.38 8.55 9.84
C ILE A 269 0.66 8.07 11.10
N LYS A 270 0.07 9.00 11.85
CA LYS A 270 -0.63 8.60 13.07
C LYS A 270 -1.95 7.92 12.75
N HIS A 271 -2.53 8.17 11.58
CA HIS A 271 -3.67 7.41 11.11
C HIS A 271 -3.31 5.93 10.99
N GLY A 272 -2.17 5.64 10.36
CA GLY A 272 -1.74 4.25 10.25
C GLY A 272 -1.30 3.68 11.60
N ASP A 273 -0.63 4.49 12.41
CA ASP A 273 -0.14 4.01 13.71
C ASP A 273 -1.29 3.49 14.57
N LYS A 274 -2.40 4.23 14.62
CA LYS A 274 -3.48 3.83 15.52
C LYS A 274 -4.25 2.64 14.97
N ILE A 275 -4.42 2.57 13.65
CA ILE A 275 -5.16 1.45 13.07
C ILE A 275 -4.32 0.18 13.12
N LEU A 276 -3.01 0.30 12.93
CA LEU A 276 -2.14 -0.87 13.10
C LEU A 276 -2.16 -1.35 14.54
N ASP A 277 -2.20 -0.41 15.49
CA ASP A 277 -2.26 -0.81 16.90
C ASP A 277 -3.49 -1.66 17.18
N GLU A 278 -4.65 -1.25 16.62
CA GLU A 278 -5.87 -2.02 16.84
C GLU A 278 -5.85 -3.33 16.07
N ALA A 279 -5.27 -3.33 14.87
CA ALA A 279 -5.11 -4.57 14.12
C ALA A 279 -4.19 -5.53 14.86
N ASN A 280 -3.11 -5.01 15.45
CA ASN A 280 -2.21 -5.86 16.22
C ASN A 280 -2.94 -6.56 17.36
N LYS A 281 -3.86 -5.85 18.03
CA LYS A 281 -4.61 -6.46 19.12
C LYS A 281 -5.61 -7.48 18.61
N VAL A 282 -6.19 -7.27 17.44
CA VAL A 282 -7.15 -8.23 16.90
C VAL A 282 -6.46 -9.55 16.59
N PHE A 283 -5.30 -9.48 15.94
CA PHE A 283 -4.63 -10.68 15.43
C PHE A 283 -3.53 -11.18 16.37
N LEU A 284 -3.53 -10.72 17.62
CA LEU A 284 -2.52 -11.15 18.57
C LEU A 284 -2.54 -12.66 18.71
N GLY A 285 -1.36 -13.27 18.63
CA GLY A 285 -1.22 -14.71 18.72
C GLY A 285 -1.32 -15.44 17.39
N CYS A 286 -1.87 -14.81 16.36
CA CYS A 286 -1.96 -15.44 15.05
C CYS A 286 -0.61 -15.42 14.35
N ARG A 287 -0.35 -16.46 13.57
CA ARG A 287 0.88 -16.56 12.79
C ARG A 287 0.73 -15.75 11.50
N VAL A 288 0.61 -14.43 11.68
CA VAL A 288 0.53 -13.49 10.57
C VAL A 288 1.45 -12.31 10.87
N GLN A 289 1.88 -11.66 9.79
CA GLN A 289 2.53 -10.37 9.89
C GLN A 289 1.61 -9.30 9.34
N LEU A 290 1.56 -8.16 10.03
CA LEU A 290 0.78 -7.03 9.56
C LEU A 290 1.60 -6.24 8.55
N ALA A 291 0.89 -5.60 7.62
CA ALA A 291 1.53 -4.88 6.54
C ALA A 291 0.69 -3.66 6.19
N ILE A 292 1.36 -2.64 5.65
CA ILE A 292 0.69 -1.51 5.02
C ILE A 292 1.22 -1.39 3.60
N LYS A 293 0.50 -0.62 2.80
CA LYS A 293 0.81 -0.40 1.39
C LYS A 293 1.11 1.08 1.18
N ILE A 294 2.26 1.36 0.59
CA ILE A 294 2.69 2.72 0.29
C ILE A 294 2.59 2.92 -1.22
N SER A 295 1.98 4.04 -1.62
N SER A 295 1.98 4.04 -1.62
CA SER A 295 1.82 4.34 -3.04
CA SER A 295 1.82 4.35 -3.03
C SER A 295 3.14 4.79 -3.65
C SER A 295 3.16 4.75 -3.64
N GLY A 296 3.32 4.44 -4.93
CA GLY A 296 4.52 4.81 -5.64
C GLY A 296 4.32 6.07 -6.46
N ILE A 297 4.55 7.23 -5.85
CA ILE A 297 4.33 8.52 -6.50
C ILE A 297 5.68 8.95 -7.07
N HIS A 298 5.98 8.49 -8.28
CA HIS A 298 7.28 8.72 -8.88
C HIS A 298 7.34 9.99 -9.72
N TRP A 299 6.22 10.62 -10.02
CA TRP A 299 6.26 11.81 -10.86
C TRP A 299 6.56 13.03 -10.02
N TRP A 300 7.40 13.92 -10.57
CA TRP A 300 7.94 15.10 -9.90
C TRP A 300 8.97 14.75 -8.82
N TYR A 301 9.43 13.50 -8.79
CA TYR A 301 10.51 13.14 -7.87
C TYR A 301 11.81 13.85 -8.23
N ARG A 302 12.03 14.15 -9.50
CA ARG A 302 13.28 14.72 -9.97
C ARG A 302 13.31 16.26 -9.89
N VAL A 303 12.39 16.86 -9.14
CA VAL A 303 12.44 18.30 -8.89
C VAL A 303 12.43 18.53 -7.38
N PRO A 304 12.97 19.65 -6.89
CA PRO A 304 13.12 19.81 -5.43
C PRO A 304 11.82 19.81 -4.67
N ASN A 305 10.70 20.18 -5.31
CA ASN A 305 9.44 20.33 -4.59
C ASN A 305 8.71 19.01 -4.33
N HIS A 306 9.01 17.97 -5.10
CA HIS A 306 8.37 16.66 -4.94
C HIS A 306 6.86 16.82 -4.77
N ALA A 307 6.28 17.68 -5.61
CA ALA A 307 4.91 18.15 -5.38
C ALA A 307 3.93 16.99 -5.27
N ALA A 308 4.01 16.02 -6.18
CA ALA A 308 3.03 14.94 -6.20
C ALA A 308 3.13 14.07 -4.95
N GLU A 309 4.35 13.84 -4.45
CA GLU A 309 4.50 13.12 -3.19
C GLU A 309 3.93 13.95 -2.04
N LEU A 310 4.17 15.26 -2.04
CA LEU A 310 3.72 16.10 -0.94
C LEU A 310 2.20 16.10 -0.82
N THR A 311 1.50 16.28 -1.95
CA THR A 311 0.05 16.35 -1.88
C THR A 311 -0.56 15.00 -1.50
N ALA A 312 0.12 13.90 -1.82
CA ALA A 312 -0.36 12.58 -1.40
C ALA A 312 -0.15 12.34 0.08
N GLY A 313 0.68 13.16 0.74
CA GLY A 313 0.94 13.02 2.16
C GLY A 313 2.33 12.53 2.50
N TYR A 314 3.22 12.36 1.53
CA TYR A 314 4.58 11.89 1.76
C TYR A 314 5.50 13.10 1.73
N TYR A 315 5.91 13.57 2.91
CA TYR A 315 6.71 14.79 3.03
C TYR A 315 8.17 14.45 2.72
N ASN A 316 8.41 14.22 1.43
CA ASN A 316 9.69 13.72 0.93
C ASN A 316 10.36 14.81 0.10
N LEU A 317 11.55 15.23 0.52
CA LEU A 317 12.34 16.22 -0.20
C LEU A 317 13.75 15.68 -0.39
N ASP A 318 14.57 16.44 -1.11
CA ASP A 318 15.95 16.01 -1.35
C ASP A 318 16.72 15.83 -0.06
N ASP A 319 16.39 16.60 0.98
CA ASP A 319 17.07 16.51 2.27
C ASP A 319 16.14 16.08 3.39
N ARG A 320 14.97 15.54 3.07
CA ARG A 320 14.03 15.06 4.09
C ARG A 320 13.45 13.74 3.63
N ASP A 321 13.73 12.67 4.38
CA ASP A 321 13.27 11.33 4.01
C ASP A 321 11.87 11.12 4.59
N GLY A 322 10.86 11.36 3.75
CA GLY A 322 9.49 11.19 4.16
C GLY A 322 9.01 9.76 4.21
N TYR A 323 9.82 8.81 3.77
CA TYR A 323 9.46 7.39 3.85
C TYR A 323 10.11 6.66 5.01
N ARG A 324 11.27 7.13 5.47
CA ARG A 324 11.88 6.50 6.64
C ARG A 324 11.14 6.85 7.91
N THR A 325 10.50 8.01 7.95
CA THR A 325 9.60 8.33 9.06
C THR A 325 8.49 7.29 9.16
N ILE A 326 7.85 6.99 8.02
CA ILE A 326 6.82 5.95 8.00
C ILE A 326 7.40 4.62 8.47
N ALA A 327 8.57 4.26 7.94
CA ALA A 327 9.20 3.00 8.33
C ALA A 327 9.47 2.98 9.83
N ARG A 328 9.94 4.10 10.39
CA ARG A 328 10.18 4.18 11.83
C ARG A 328 8.90 3.90 12.60
N MET A 329 7.76 4.43 12.12
CA MET A 329 6.49 4.19 12.79
C MET A 329 6.13 2.72 12.79
N LEU A 330 6.43 2.02 11.68
CA LEU A 330 6.06 0.62 11.55
C LEU A 330 6.86 -0.29 12.46
N THR A 331 8.05 0.13 12.93
CA THR A 331 8.91 -0.78 13.66
C THR A 331 8.24 -1.31 14.91
N ARG A 332 7.51 -0.46 15.64
CA ARG A 332 6.92 -0.91 16.90
C ARG A 332 5.82 -1.93 16.69
N HIS A 333 5.22 -1.97 15.51
CA HIS A 333 4.22 -2.98 15.18
C HIS A 333 4.82 -4.21 14.50
N HIS A 334 6.13 -4.23 14.30
CA HIS A 334 6.78 -5.31 13.55
C HIS A 334 6.10 -5.50 12.19
N ALA A 335 5.62 -4.40 11.62
CA ALA A 335 4.84 -4.45 10.40
C ALA A 335 5.74 -4.37 9.17
N SER A 336 5.33 -5.04 8.11
CA SER A 336 6.07 -4.97 6.86
C SER A 336 5.60 -3.79 6.02
N MET A 337 6.50 -3.33 5.16
CA MET A 337 6.24 -2.18 4.30
C MET A 337 6.12 -2.70 2.88
N ASN A 338 4.93 -2.60 2.31
CA ASN A 338 4.66 -3.06 0.95
CA ASN A 338 4.66 -3.06 0.95
C ASN A 338 4.67 -1.86 0.01
N PHE A 339 5.51 -1.93 -1.02
CA PHE A 339 5.67 -0.85 -1.98
C PHE A 339 5.30 -1.36 -3.38
N THR A 340 5.49 -0.50 -4.38
CA THR A 340 5.12 -0.82 -5.75
C THR A 340 6.22 -0.27 -6.67
N CYS A 341 5.94 -0.26 -7.98
CA CYS A 341 6.89 0.18 -9.00
C CYS A 341 8.10 -0.75 -9.10
N ALA A 342 7.98 -2.00 -8.66
CA ALA A 342 9.11 -2.91 -8.66
C ALA A 342 9.62 -3.23 -10.07
N GLU A 343 8.80 -3.00 -11.10
CA GLU A 343 9.14 -3.37 -12.47
C GLU A 343 9.55 -2.18 -13.32
N MET A 344 9.57 -0.97 -12.77
CA MET A 344 9.70 0.24 -13.57
C MET A 344 11.15 0.67 -13.72
N ARG A 345 11.48 1.16 -14.92
CA ARG A 345 12.78 1.74 -15.22
CA ARG A 345 12.77 1.73 -15.22
C ARG A 345 12.60 3.21 -15.55
N ASP A 346 13.58 4.02 -15.15
CA ASP A 346 13.49 5.46 -15.39
C ASP A 346 13.31 5.77 -16.88
N SER A 347 13.96 5.00 -17.75
CA SER A 347 13.89 5.26 -19.18
C SER A 347 12.53 4.94 -19.78
N GLU A 348 11.65 4.27 -19.04
CA GLU A 348 10.31 3.95 -19.52
C GLU A 348 9.30 5.06 -19.26
N GLN A 349 9.68 6.10 -18.53
CA GLN A 349 8.81 7.21 -18.20
C GLN A 349 9.10 8.40 -19.11
N SER A 350 8.15 9.32 -19.18
CA SER A 350 8.31 10.50 -20.02
C SER A 350 9.10 11.59 -19.29
N GLU A 351 9.81 12.41 -20.06
CA GLU A 351 10.67 13.43 -19.48
C GLU A 351 9.86 14.50 -18.76
N GLU A 352 8.71 14.90 -19.33
CA GLU A 352 7.96 16.02 -18.78
C GLU A 352 7.38 15.72 -17.40
N ALA A 353 7.31 14.45 -17.01
CA ALA A 353 6.79 14.09 -15.70
C ALA A 353 7.83 14.14 -14.60
N LYS A 354 9.10 14.37 -14.94
CA LYS A 354 10.17 14.43 -13.96
C LYS A 354 10.14 13.19 -13.06
N SER A 355 10.02 12.03 -13.70
CA SER A 355 9.81 10.77 -13.01
C SER A 355 11.14 10.09 -12.70
N ALA A 356 11.16 9.36 -11.58
CA ALA A 356 12.36 8.62 -11.16
C ALA A 356 11.92 7.42 -10.33
N PRO A 357 11.23 6.46 -10.96
CA PRO A 357 10.74 5.31 -10.19
C PRO A 357 11.85 4.47 -9.58
N GLU A 358 12.98 4.31 -10.26
CA GLU A 358 14.08 3.51 -9.73
C GLU A 358 14.63 4.14 -8.45
N GLU A 359 14.86 5.46 -8.48
CA GLU A 359 15.37 6.14 -7.29
C GLU A 359 14.35 6.08 -6.16
N LEU A 360 13.07 6.26 -6.50
CA LEU A 360 12.02 6.15 -5.48
C LEU A 360 12.02 4.77 -4.84
N VAL A 361 12.01 3.72 -5.65
CA VAL A 361 12.03 2.36 -5.11
C VAL A 361 13.24 2.15 -4.23
N GLN A 362 14.41 2.64 -4.66
CA GLN A 362 15.62 2.44 -3.88
C GLN A 362 15.56 3.19 -2.56
N GLN A 363 14.96 4.39 -2.56
CA GLN A 363 14.83 5.14 -1.32
C GLN A 363 13.89 4.43 -0.35
N VAL A 364 12.74 3.95 -0.84
CA VAL A 364 11.76 3.33 0.04
C VAL A 364 12.30 2.02 0.59
N LEU A 365 12.82 1.16 -0.28
CA LEU A 365 13.40 -0.10 0.18
C LEU A 365 14.52 0.16 1.18
N SER A 366 15.42 1.09 0.87
CA SER A 366 16.52 1.38 1.78
C SER A 366 16.01 1.86 3.13
N ALA A 367 14.98 2.72 3.12
CA ALA A 367 14.40 3.20 4.37
C ALA A 367 13.86 2.06 5.21
N GLY A 368 13.12 1.14 4.59
CA GLY A 368 12.60 0.00 5.33
C GLY A 368 13.71 -0.89 5.86
N TRP A 369 14.74 -1.13 5.04
CA TRP A 369 15.84 -1.98 5.46
C TRP A 369 16.66 -1.32 6.56
N ARG A 370 16.81 0.01 6.52
CA ARG A 370 17.56 0.68 7.58
C ARG A 370 16.87 0.54 8.92
N GLU A 371 15.54 0.46 8.93
CA GLU A 371 14.76 0.29 10.15
C GLU A 371 14.47 -1.16 10.47
N GLY A 372 15.14 -2.10 9.78
CA GLY A 372 14.99 -3.51 10.11
C GLY A 372 13.65 -4.10 9.76
N LEU A 373 12.92 -3.52 8.81
CA LEU A 373 11.60 -4.01 8.44
C LEU A 373 11.70 -5.05 7.33
N HIS A 374 10.69 -5.91 7.28
CA HIS A 374 10.43 -6.67 6.08
C HIS A 374 9.85 -5.75 5.02
N VAL A 375 10.46 -5.75 3.84
CA VAL A 375 10.02 -4.94 2.72
C VAL A 375 9.57 -5.87 1.60
N ALA A 376 8.36 -5.66 1.11
CA ALA A 376 7.84 -6.38 -0.05
C ALA A 376 7.42 -5.37 -1.10
N CYS A 377 7.23 -5.85 -2.32
CA CYS A 377 6.97 -4.96 -3.44
C CYS A 377 6.01 -5.63 -4.42
N GLU A 378 5.34 -4.78 -5.20
CA GLU A 378 4.49 -5.21 -6.30
C GLU A 378 4.90 -4.48 -7.57
N ASN A 379 4.50 -5.03 -8.71
CA ASN A 379 4.59 -4.28 -9.95
C ASN A 379 3.41 -3.31 -10.03
N ALA A 380 3.68 -2.11 -10.54
CA ALA A 380 2.64 -1.09 -10.63
C ALA A 380 1.74 -1.31 -11.83
N LEU A 381 2.28 -1.82 -12.94
CA LEU A 381 1.53 -2.00 -14.18
C LEU A 381 1.67 -3.43 -14.67
N GLY A 382 0.66 -3.90 -15.40
CA GLY A 382 0.67 -5.25 -15.92
C GLY A 382 1.77 -5.41 -16.96
N ARG A 383 2.72 -6.32 -16.69
CA ARG A 383 3.83 -6.58 -17.59
C ARG A 383 4.04 -8.09 -17.70
N TYR A 384 4.35 -8.54 -18.92
CA TYR A 384 4.63 -9.94 -19.18
C TYR A 384 6.01 -10.16 -19.80
N ASP A 385 6.78 -9.10 -20.01
CA ASP A 385 8.04 -9.19 -20.74
C ASP A 385 9.21 -9.46 -19.80
N ALA A 386 10.24 -10.10 -20.35
CA ALA A 386 11.42 -10.47 -19.56
C ALA A 386 12.02 -9.25 -18.88
N THR A 387 12.03 -8.10 -19.55
CA THR A 387 12.67 -6.92 -18.97
C THR A 387 12.01 -6.52 -17.66
N ALA A 388 10.68 -6.54 -17.62
CA ALA A 388 10.00 -6.22 -16.36
C ALA A 388 10.40 -7.18 -15.25
N TYR A 389 10.49 -8.48 -15.57
CA TYR A 389 10.89 -9.44 -14.55
C TYR A 389 12.33 -9.23 -14.12
N ASN A 390 13.20 -8.85 -15.05
CA ASN A 390 14.60 -8.60 -14.70
C ASN A 390 14.75 -7.37 -13.82
N THR A 391 13.88 -6.37 -14.00
CA THR A 391 13.88 -5.22 -13.11
C THR A 391 13.44 -5.63 -11.71
N ILE A 392 12.38 -6.43 -11.62
CA ILE A 392 11.92 -6.94 -10.33
C ILE A 392 13.02 -7.73 -9.66
N LEU A 393 13.68 -8.61 -10.42
CA LEU A 393 14.78 -9.40 -9.87
C LEU A 393 15.90 -8.52 -9.34
N ARG A 394 16.22 -7.44 -10.06
CA ARG A 394 17.21 -6.49 -9.56
C ARG A 394 16.80 -5.95 -8.19
N ASN A 395 15.57 -5.45 -8.10
CA ASN A 395 15.11 -4.87 -6.83
C ASN A 395 14.95 -5.94 -5.76
N ALA A 396 14.70 -7.20 -6.14
CA ALA A 396 14.55 -8.27 -5.16
C ALA A 396 15.86 -8.55 -4.44
N ARG A 397 16.98 -8.51 -5.17
CA ARG A 397 18.30 -8.69 -4.57
C ARG A 397 19.22 -7.65 -5.20
N PRO A 398 19.31 -6.46 -4.59
CA PRO A 398 20.07 -5.36 -5.23
C PRO A 398 21.49 -5.72 -5.65
N LYS A 399 22.20 -6.52 -4.85
CA LYS A 399 23.56 -6.92 -5.18
C LYS A 399 23.64 -8.35 -5.69
N GLY A 400 22.52 -8.92 -6.12
CA GLY A 400 22.52 -10.24 -6.73
C GLY A 400 22.66 -11.36 -5.71
N ILE A 401 22.96 -12.54 -6.24
CA ILE A 401 23.11 -13.74 -5.41
C ILE A 401 24.38 -13.63 -4.58
N ASN A 402 24.28 -13.99 -3.30
CA ASN A 402 25.44 -14.18 -2.44
C ASN A 402 25.67 -15.68 -2.37
N LYS A 403 26.67 -16.15 -3.10
CA LYS A 403 26.91 -17.59 -3.24
C LYS A 403 27.43 -18.24 -1.96
N ASN A 404 27.75 -17.45 -0.92
CA ASN A 404 28.30 -18.01 0.30
C ASN A 404 27.69 -17.36 1.55
N GLY A 405 26.42 -16.96 1.48
CA GLY A 405 25.75 -16.35 2.60
C GLY A 405 24.49 -15.62 2.20
N PRO A 406 23.87 -14.91 3.15
CA PRO A 406 22.65 -14.20 2.84
C PRO A 406 22.92 -12.99 1.97
N PRO A 407 21.97 -12.58 1.13
CA PRO A 407 22.15 -11.34 0.37
C PRO A 407 22.25 -10.14 1.29
N GLU A 408 23.05 -9.16 0.88
CA GLU A 408 23.21 -7.93 1.65
C GLU A 408 21.85 -7.35 2.03
N HIS A 409 20.95 -7.24 1.05
CA HIS A 409 19.57 -6.89 1.30
C HIS A 409 18.70 -7.64 0.31
N LYS A 410 17.44 -7.82 0.68
CA LYS A 410 16.52 -8.49 -0.23
C LYS A 410 15.09 -8.16 0.17
N LEU A 411 14.20 -8.20 -0.80
CA LEU A 411 12.78 -8.12 -0.51
C LEU A 411 12.34 -9.35 0.27
N PHE A 412 11.44 -9.15 1.22
CA PHE A 412 10.83 -10.28 1.90
C PHE A 412 9.86 -11.02 0.98
N GLY A 413 9.31 -10.32 -0.01
CA GLY A 413 8.43 -10.96 -0.95
C GLY A 413 8.09 -10.02 -2.08
N PHE A 414 7.60 -10.61 -3.17
CA PHE A 414 7.09 -9.87 -4.30
C PHE A 414 5.72 -10.41 -4.66
N THR A 415 4.78 -9.51 -4.98
CA THR A 415 3.44 -9.89 -5.38
C THR A 415 3.19 -9.38 -6.79
N TYR A 416 2.84 -10.30 -7.69
CA TYR A 416 2.63 -9.97 -9.09
C TYR A 416 1.19 -9.54 -9.33
N LEU A 417 1.01 -8.36 -9.93
CA LEU A 417 -0.29 -7.88 -10.39
C LEU A 417 -0.36 -8.17 -11.90
N ARG A 418 -1.24 -9.08 -12.33
CA ARG A 418 -2.26 -9.74 -11.51
C ARG A 418 -2.63 -11.04 -12.22
N LEU A 419 -3.22 -11.98 -11.48
CA LEU A 419 -3.57 -13.27 -12.07
C LEU A 419 -4.61 -13.09 -13.17
N SER A 420 -4.39 -13.76 -14.30
CA SER A 420 -5.33 -13.74 -15.41
C SER A 420 -5.00 -14.93 -16.31
N ASN A 421 -5.92 -15.22 -17.24
CA ASN A 421 -5.70 -16.34 -18.14
C ASN A 421 -4.54 -16.07 -19.09
N GLU A 422 -4.33 -14.81 -19.50
CA GLU A 422 -3.21 -14.51 -20.38
C GLU A 422 -1.86 -14.69 -19.69
N LEU A 423 -1.81 -14.62 -18.36
CA LEU A 423 -0.58 -14.93 -17.66
C LEU A 423 -0.25 -16.41 -17.73
N LEU A 424 -1.27 -17.27 -17.80
CA LEU A 424 -1.10 -18.72 -17.67
C LEU A 424 -1.06 -19.43 -19.01
N GLU A 425 -0.80 -18.72 -20.11
CA GLU A 425 -0.78 -19.33 -21.43
C GLU A 425 0.49 -18.93 -22.17
N GLY A 426 0.98 -19.86 -22.99
CA GLY A 426 2.03 -19.58 -23.96
C GLY A 426 3.30 -19.05 -23.32
N GLN A 427 3.97 -18.16 -24.07
CA GLN A 427 5.25 -17.63 -23.64
C GLN A 427 5.12 -16.82 -22.35
N ASN A 428 3.96 -16.20 -22.12
CA ASN A 428 3.75 -15.46 -20.88
C ASN A 428 3.94 -16.38 -19.67
N TYR A 429 3.32 -17.55 -19.70
CA TYR A 429 3.45 -18.48 -18.59
C TYR A 429 4.88 -19.01 -18.47
N ALA A 430 5.49 -19.39 -19.59
CA ALA A 430 6.86 -19.89 -19.56
C ALA A 430 7.80 -18.85 -18.98
N THR A 431 7.66 -17.59 -19.40
CA THR A 431 8.51 -16.53 -18.88
C THR A 431 8.26 -16.30 -17.40
N PHE A 432 7.00 -16.34 -16.98
CA PHE A 432 6.68 -16.18 -15.57
C PHE A 432 7.33 -17.29 -14.73
N GLN A 433 7.22 -18.54 -15.20
CA GLN A 433 7.78 -19.65 -14.43
C GLN A 433 9.29 -19.50 -14.27
N THR A 434 9.98 -19.10 -15.34
CA THR A 434 11.41 -18.85 -15.23
C THR A 434 11.69 -17.74 -14.22
N PHE A 435 10.83 -16.73 -14.16
CA PHE A 435 11.01 -15.64 -13.21
C PHE A 435 10.92 -16.14 -11.77
N VAL A 436 9.94 -17.00 -11.48
CA VAL A 436 9.83 -17.56 -10.14
C VAL A 436 11.09 -18.36 -9.79
N GLU A 437 11.60 -19.11 -10.76
CA GLU A 437 12.81 -19.90 -10.52
C GLU A 437 13.98 -19.01 -10.11
N LYS A 438 14.13 -17.86 -10.76
CA LYS A 438 15.22 -16.96 -10.41
C LYS A 438 15.00 -16.28 -9.08
N MET A 439 13.75 -15.90 -8.78
CA MET A 439 13.44 -15.34 -7.46
C MET A 439 13.79 -16.33 -6.36
N HIS A 440 13.57 -17.62 -6.62
CA HIS A 440 13.92 -18.69 -5.70
C HIS A 440 15.39 -19.09 -5.80
N ALA A 441 16.18 -18.40 -6.61
CA ALA A 441 17.60 -18.68 -6.74
C ALA A 441 17.84 -20.12 -7.18
N ASN A 442 16.98 -20.62 -8.07
CA ASN A 442 17.07 -21.97 -8.62
C ASN A 442 17.06 -23.04 -7.52
N LEU A 443 16.54 -22.71 -6.34
CA LEU A 443 16.46 -23.67 -5.25
C LEU A 443 15.16 -24.47 -5.26
N GLY A 444 14.19 -24.08 -6.06
CA GLY A 444 12.89 -24.74 -6.08
C GLY A 444 11.95 -24.18 -5.03
N HIS A 445 10.65 -24.42 -5.25
CA HIS A 445 9.64 -23.97 -4.30
C HIS A 445 9.89 -24.58 -2.92
N ASP A 446 9.80 -23.74 -1.89
CA ASP A 446 9.97 -24.17 -0.51
C ASP A 446 8.69 -23.88 0.26
N PRO A 447 7.82 -24.87 0.47
CA PRO A 447 6.57 -24.61 1.20
C PRO A 447 6.77 -24.06 2.60
N SER A 448 7.93 -24.29 3.21
CA SER A 448 8.14 -23.97 4.62
C SER A 448 9.07 -22.78 4.84
N VAL A 449 9.37 -22.01 3.79
CA VAL A 449 10.26 -20.87 3.96
C VAL A 449 9.59 -19.81 4.82
N ASP A 450 10.40 -19.10 5.60
CA ASP A 450 9.95 -17.92 6.34
C ASP A 450 8.71 -18.22 7.18
N PRO A 451 8.78 -19.19 8.10
CA PRO A 451 7.63 -19.45 8.97
C PRO A 451 7.33 -18.21 9.82
N VAL A 452 6.04 -17.94 9.99
CA VAL A 452 5.59 -16.73 10.67
C VAL A 452 5.41 -17.02 12.15
N ALA A 453 6.10 -16.25 12.99
CA ALA A 453 5.96 -16.42 14.44
C ALA A 453 4.61 -15.89 14.90
N PRO A 454 4.08 -16.42 16.00
CA PRO A 454 2.86 -15.84 16.57
C PRO A 454 3.02 -14.34 16.79
N LEU A 455 1.99 -13.59 16.40
CA LEU A 455 2.07 -12.13 16.44
C LEU A 455 2.12 -11.64 17.87
N GLU A 456 3.13 -10.85 18.19
CA GLU A 456 3.29 -10.29 19.52
C GLU A 456 2.81 -8.84 19.57
N ARG A 457 2.46 -8.39 20.77
CA ARG A 457 1.87 -7.08 20.96
C ARG A 457 2.84 -5.99 20.52
N SER A 458 2.28 -4.92 19.95
CA SER A 458 3.08 -3.79 19.52
C SER A 458 3.86 -3.21 20.69
N LYS A 459 5.07 -2.73 20.41
CA LYS A 459 5.90 -2.06 21.40
C LYS A 459 5.28 -0.70 21.74
N PRO A 460 5.73 -0.07 22.82
CA PRO A 460 5.13 1.20 23.24
C PRO A 460 5.13 2.25 22.13
N GLU A 461 4.06 3.04 22.09
CA GLU A 461 3.96 4.12 21.11
C GLU A 461 5.12 5.09 21.26
N MET A 462 5.62 5.58 20.11
CA MET A 462 6.73 6.52 20.10
C MET A 462 6.21 7.96 20.20
N PRO A 463 6.96 8.85 20.83
CA PRO A 463 6.69 10.28 20.65
C PRO A 463 6.92 10.65 19.19
N ILE A 464 6.12 11.57 18.68
CA ILE A 464 6.24 11.94 17.28
C ILE A 464 7.66 12.37 16.97
N GLU A 465 8.37 12.90 17.97
CA GLU A 465 9.76 13.35 17.75
C GLU A 465 10.65 12.19 17.31
N MET A 466 10.39 10.98 17.83
CA MET A 466 11.23 9.84 17.48
C MET A 466 10.95 9.39 16.04
N ILE A 467 9.69 9.48 15.60
CA ILE A 467 9.37 9.21 14.21
C ILE A 467 10.03 10.26 13.31
N LEU A 468 9.91 11.54 13.67
CA LEU A 468 10.45 12.61 12.85
C LEU A 468 11.98 12.58 12.81
N LYS A 469 12.62 12.04 13.86
CA LYS A 469 14.07 11.96 13.86
C LYS A 469 14.60 11.23 12.63
N ALA A 470 13.82 10.28 12.10
CA ALA A 470 14.26 9.49 10.95
C ALA A 470 14.26 10.27 9.65
N ALA A 471 13.67 11.46 9.62
CA ALA A 471 13.60 12.22 8.38
C ALA A 471 14.94 12.84 8.01
N GLN A 472 15.79 13.11 9.00
CA GLN A 472 17.05 13.79 8.74
C GLN A 472 18.08 13.34 9.76
N PRO A 473 19.37 13.24 9.37
CA PRO A 473 19.91 13.42 8.02
C PRO A 473 19.42 12.37 7.03
N LYS A 474 19.10 12.81 5.81
CA LYS A 474 18.69 11.91 4.75
C LYS A 474 19.90 11.15 4.23
N LEU A 475 19.84 9.82 4.25
CA LEU A 475 20.97 8.99 3.89
C LEU A 475 20.87 8.53 2.44
N GLU A 476 22.03 8.29 1.84
CA GLU A 476 22.07 7.72 0.51
C GLU A 476 21.44 6.33 0.54
N PRO A 477 20.83 5.90 -0.57
CA PRO A 477 20.29 4.54 -0.61
C PRO A 477 21.41 3.51 -0.62
N PHE A 478 21.09 2.31 -0.16
CA PHE A 478 22.01 1.20 -0.32
C PHE A 478 22.29 1.02 -1.81
N PRO A 479 23.47 0.49 -2.17
CA PRO A 479 23.79 0.36 -3.59
C PRO A 479 22.95 -0.71 -4.28
N PHE A 480 22.46 -0.37 -5.45
CA PHE A 480 21.72 -1.28 -6.31
C PHE A 480 22.50 -1.51 -7.59
N ASP A 481 22.65 -2.78 -7.98
CA ASP A 481 23.23 -3.08 -9.29
C ASP A 481 22.30 -2.64 -10.40
N LYS A 482 22.88 -2.29 -11.55
CA LYS A 482 22.06 -1.85 -12.68
C LYS A 482 21.22 -3.01 -13.22
N ASN A 483 21.76 -4.23 -13.22
CA ASN A 483 21.07 -5.39 -13.76
C ASN A 483 21.24 -6.58 -12.84
N THR A 484 20.23 -7.44 -12.83
CA THR A 484 20.30 -8.67 -12.06
C THR A 484 21.37 -9.60 -12.62
N ASP A 485 21.98 -10.38 -11.73
CA ASP A 485 22.91 -11.42 -12.12
C ASP A 485 22.22 -12.71 -12.54
N LEU A 486 20.89 -12.78 -12.43
CA LEU A 486 20.12 -13.98 -12.75
C LEU A 486 19.00 -13.61 -13.72
N PRO A 487 19.35 -13.14 -14.91
CA PRO A 487 18.33 -12.61 -15.82
C PRO A 487 17.46 -13.69 -16.41
N VAL A 488 16.25 -13.30 -16.78
CA VAL A 488 15.31 -14.17 -17.50
C VAL A 488 15.51 -13.94 -19.00
N LYS A 489 15.56 -15.03 -19.75
CA LYS A 489 15.67 -14.94 -21.20
C LYS A 489 14.33 -14.51 -21.80
N ASP A 490 14.37 -13.46 -22.62
CA ASP A 490 13.18 -12.97 -23.31
C ASP A 490 12.42 -14.12 -23.97
#